data_1ZED
#
_entry.id   1ZED
#
_cell.length_a   88.346
_cell.length_b   114.573
_cell.length_c   106.568
_cell.angle_alpha   90.00
_cell.angle_beta   90.00
_cell.angle_gamma   90.00
#
_symmetry.space_group_name_H-M   'C 2 2 21'
#
loop_
_entity.id
_entity.type
_entity.pdbx_description
1 polymer 'Alkaline phosphatase'
2 non-polymer 2-acetamido-2-deoxy-beta-D-glucopyranose
3 non-polymer 'ZINC ION'
4 non-polymer 'MAGNESIUM ION'
5 non-polymer 'CALCIUM ION'
6 non-polymer 'PHOSPHITE ION'
7 non-polymer 'METHYL-PHOSPHONIC ACID MONO-(4-NITRO-PHENYL) ESTER'
8 water water
#
_entity_poly.entity_id   1
_entity_poly.type   'polypeptide(L)'
_entity_poly.pdbx_seq_one_letter_code
;IIPVEEENPDFWNREAAEALGAAKKLQPAQTAAKNLIIFLGDGMGVSTVTAARILKGQKKDKLGPEIPLAMDRFPYVALS
KTYNVDKHVPDSGATATAYLCGVKGNFQTIGLSAAARFNQCNTTRGNEVISVMNRAKKAGKSVGVVTTTRVQHASPAGTY
AHTVNRNWYSDADVPASARQEGCQDIATQLISNMDIDVILGGGRKYMFRMGTPDPEYPDDYSQGGTRLDGKNLVQEWLAK
RQGARYVWNRTELMQASLDPSVTHLMGLFEPGDMKYEIHRDSTLDPSLMEMTEAALRLLSRNPRGFFLFVEGGRIDHGHH
ESRAYRALTETIMFDDAIERAGQLTSEEDTLSLVTADHSHVFSFGGYPLRGSSIFGLAPGKARDRKAYTVLLYGNGPGYV
LKDGARPDVTESESGSPEYRQQSAVPLDEETHAGEDVAVFARGPQAHLVHGVQEQTFIAHVMAFAACLEPYTACDLAPPA
GTTD
;
_entity_poly.pdbx_strand_id   A
#
# COMPACT_ATOMS: atom_id res chain seq x y z
N ILE A 1 -30.75 8.36 9.98
CA ILE A 1 -31.77 8.74 8.94
C ILE A 1 -32.14 7.54 8.08
N ILE A 2 -33.44 7.30 7.92
CA ILE A 2 -33.91 6.22 7.04
C ILE A 2 -34.17 6.79 5.64
N PRO A 3 -33.41 6.39 4.63
CA PRO A 3 -33.68 6.87 3.27
C PRO A 3 -34.97 6.25 2.76
N VAL A 4 -35.86 7.10 2.25
CA VAL A 4 -37.22 6.66 1.97
C VAL A 4 -37.27 5.60 0.88
N GLU A 5 -36.40 5.71 -0.12
CA GLU A 5 -36.39 4.74 -1.22
C GLU A 5 -36.11 3.32 -0.73
N GLU A 6 -35.36 3.22 0.36
CA GLU A 6 -35.00 1.90 0.89
C GLU A 6 -36.08 1.26 1.73
N GLU A 7 -37.18 1.97 1.97
CA GLU A 7 -38.32 1.41 2.71
C GLU A 7 -39.17 0.47 1.85
N ASN A 8 -39.00 0.57 0.55
CA ASN A 8 -39.72 -0.24 -0.42
C ASN A 8 -38.89 -1.49 -0.75
N PRO A 9 -39.45 -2.68 -0.51
CA PRO A 9 -38.71 -3.90 -0.83
C PRO A 9 -38.27 -3.97 -2.30
N ASP A 10 -39.04 -3.38 -3.20
CA ASP A 10 -38.68 -3.28 -4.62
C ASP A 10 -37.27 -2.76 -4.82
N PHE A 11 -36.86 -1.82 -3.97
CA PHE A 11 -35.52 -1.23 -4.05
C PHE A 11 -34.45 -2.32 -3.93
N TRP A 12 -34.62 -3.13 -2.92
CA TRP A 12 -33.67 -4.19 -2.63
C TRP A 12 -33.79 -5.34 -3.63
N ASN A 13 -35.01 -5.66 -4.02
CA ASN A 13 -35.22 -6.71 -5.00
C ASN A 13 -34.65 -6.32 -6.36
N ARG A 14 -34.81 -5.06 -6.77
CA ARG A 14 -34.24 -4.61 -8.04
C ARG A 14 -32.71 -4.65 -8.01
N GLU A 15 -32.14 -4.15 -6.92
CA GLU A 15 -30.68 -4.14 -6.78
C GLU A 15 -30.15 -5.57 -6.86
N ALA A 16 -30.83 -6.50 -6.21
CA ALA A 16 -30.33 -7.88 -6.14
C ALA A 16 -30.47 -8.57 -7.49
N ALA A 17 -31.59 -8.33 -8.16
CA ALA A 17 -31.74 -8.86 -9.51
C ALA A 17 -30.65 -8.35 -10.44
N GLU A 18 -30.32 -7.06 -10.34
CA GLU A 18 -29.22 -6.47 -11.12
C GLU A 18 -27.89 -7.14 -10.76
N ALA A 19 -27.68 -7.33 -9.46
CA ALA A 19 -26.47 -8.01 -9.00
C ALA A 19 -26.37 -9.44 -9.52
N LEU A 20 -27.48 -10.17 -9.53
CA LEU A 20 -27.48 -11.53 -10.08
C LEU A 20 -27.17 -11.49 -11.57
N GLY A 21 -27.75 -10.52 -12.27
CA GLY A 21 -27.50 -10.40 -13.71
C GLY A 21 -26.04 -10.17 -14.01
N ALA A 22 -25.43 -9.28 -13.22
CA ALA A 22 -24.01 -8.96 -13.37
C ALA A 22 -23.16 -10.17 -13.04
N ALA A 23 -23.51 -10.86 -11.96
CA ALA A 23 -22.78 -12.07 -11.57
C ALA A 23 -22.79 -13.12 -12.68
N LYS A 24 -23.93 -13.26 -13.36
CA LYS A 24 -24.05 -14.25 -14.44
C LYS A 24 -23.27 -13.90 -15.70
N LYS A 25 -23.00 -12.62 -15.91
CA LYS A 25 -22.27 -12.17 -17.08
C LYS A 25 -20.77 -12.37 -16.96
N LEU A 26 -20.27 -12.59 -15.74
CA LEU A 26 -18.84 -12.82 -15.56
C LEU A 26 -18.39 -14.07 -16.28
N GLN A 27 -17.29 -13.95 -17.01
CA GLN A 27 -16.71 -15.08 -17.73
C GLN A 27 -15.20 -15.02 -17.61
N PRO A 28 -14.55 -16.17 -17.47
CA PRO A 28 -13.10 -16.19 -17.36
C PRO A 28 -12.44 -15.89 -18.71
N ALA A 29 -11.34 -15.14 -18.67
CA ALA A 29 -10.52 -14.91 -19.87
C ALA A 29 -9.73 -16.18 -20.21
N GLN A 30 -9.53 -16.40 -21.50
CA GLN A 30 -8.62 -17.43 -21.99
C GLN A 30 -7.25 -16.83 -22.35
N THR A 31 -7.10 -15.53 -22.10
CA THR A 31 -5.95 -14.76 -22.52
C THR A 31 -5.12 -14.33 -21.33
N ALA A 32 -3.84 -14.09 -21.58
CA ALA A 32 -2.91 -13.65 -20.54
C ALA A 32 -3.09 -12.18 -20.22
N ALA A 33 -2.51 -11.79 -19.09
CA ALA A 33 -2.36 -10.38 -18.77
C ALA A 33 -1.11 -9.83 -19.44
N LYS A 34 -1.27 -8.71 -20.12
CA LYS A 34 -0.15 -7.91 -20.60
C LYS A 34 0.48 -7.14 -19.45
N ASN A 35 -0.38 -6.56 -18.62
CA ASN A 35 0.03 -5.71 -17.53
C ASN A 35 -0.43 -6.30 -16.22
N LEU A 36 0.30 -5.95 -15.16
CA LEU A 36 0.01 -6.38 -13.81
C LEU A 36 0.09 -5.18 -12.89
N ILE A 37 -0.93 -5.00 -12.06
CA ILE A 37 -0.90 -3.96 -11.04
C ILE A 37 -1.31 -4.56 -9.73
N ILE A 38 -0.50 -4.31 -8.71
CA ILE A 38 -0.91 -4.62 -7.35
C ILE A 38 -1.02 -3.33 -6.58
N PHE A 39 -2.20 -3.10 -6.03
CA PHE A 39 -2.48 -1.98 -5.18
C PHE A 39 -2.51 -2.51 -3.77
N LEU A 40 -1.61 -2.01 -2.94
CA LEU A 40 -1.41 -2.50 -1.59
C LEU A 40 -1.75 -1.40 -0.60
N GLY A 41 -2.84 -1.63 0.13
CA GLY A 41 -3.25 -0.74 1.20
C GLY A 41 -2.62 -1.24 2.47
N ASP A 42 -1.56 -0.57 2.90
CA ASP A 42 -0.82 -1.05 4.05
C ASP A 42 -1.69 -0.92 5.31
N GLY A 43 -2.05 -2.05 5.90
CA GLY A 43 -2.88 -2.05 7.10
C GLY A 43 -4.37 -2.01 6.83
N MET A 44 -4.76 -2.10 5.56
CA MET A 44 -6.14 -1.86 5.15
C MET A 44 -7.00 -3.14 5.25
N GLY A 45 -7.31 -3.53 6.48
CA GLY A 45 -8.12 -4.70 6.73
C GLY A 45 -9.58 -4.40 6.49
N VAL A 46 -10.42 -5.39 6.77
CA VAL A 46 -11.82 -5.33 6.40
C VAL A 46 -12.53 -4.19 7.12
N SER A 47 -12.23 -4.00 8.40
CA SER A 47 -12.85 -2.89 9.15
C SER A 47 -12.42 -1.53 8.58
N THR A 48 -11.20 -1.44 8.06
CA THR A 48 -10.72 -0.20 7.43
C THR A 48 -11.48 0.06 6.15
N VAL A 49 -11.68 -0.98 5.35
CA VAL A 49 -12.39 -0.83 4.08
C VAL A 49 -13.80 -0.33 4.33
N THR A 50 -14.52 -0.98 5.23
CA THR A 50 -15.89 -0.56 5.49
C THR A 50 -15.97 0.86 6.04
N ALA A 51 -15.14 1.18 7.02
CA ALA A 51 -15.12 2.53 7.56
C ALA A 51 -14.78 3.56 6.51
N ALA A 52 -13.80 3.27 5.65
CA ALA A 52 -13.43 4.18 4.58
C ALA A 52 -14.55 4.37 3.59
N ARG A 53 -15.27 3.27 3.29
CA ARG A 53 -16.42 3.32 2.40
C ARG A 53 -17.45 4.30 2.90
N ILE A 54 -17.77 4.22 4.19
CA ILE A 54 -18.78 5.07 4.79
C ILE A 54 -18.31 6.52 4.72
N LEU A 55 -17.04 6.76 5.04
CA LEU A 55 -16.50 8.12 5.00
C LEU A 55 -16.53 8.68 3.59
N LYS A 56 -16.12 7.88 2.61
CA LYS A 56 -16.08 8.34 1.22
C LYS A 56 -17.48 8.59 0.72
N GLY A 57 -18.41 7.73 1.13
CA GLY A 57 -19.81 7.85 0.71
C GLY A 57 -20.36 9.17 1.17
N GLN A 58 -20.04 9.54 2.40
CA GLN A 58 -20.46 10.81 2.96
C GLN A 58 -19.69 11.99 2.40
N LYS A 59 -18.42 11.80 2.04
CA LYS A 59 -17.65 12.86 1.37
C LYS A 59 -18.34 13.26 0.08
N LYS A 60 -18.94 12.30 -0.61
CA LYS A 60 -19.88 12.58 -1.69
C LYS A 60 -21.15 13.13 -1.03
N ASP A 61 -22.31 13.03 -1.63
CA ASP A 61 -23.50 13.58 -0.97
C ASP A 61 -24.38 12.51 -0.33
N LYS A 62 -23.78 11.42 0.14
CA LYS A 62 -24.54 10.19 0.43
C LYS A 62 -24.48 9.79 1.90
N LEU A 63 -25.23 8.76 2.27
CA LEU A 63 -25.32 8.33 3.67
C LEU A 63 -24.10 7.52 4.10
N GLY A 64 -23.46 6.84 3.14
CA GLY A 64 -22.17 6.20 3.39
C GLY A 64 -22.07 4.76 2.90
N PRO A 65 -22.62 3.81 3.66
CA PRO A 65 -22.31 2.39 3.47
C PRO A 65 -22.84 1.80 2.16
N GLU A 66 -23.79 2.49 1.53
CA GLU A 66 -24.41 2.01 0.31
C GLU A 66 -23.61 2.35 -0.95
N ILE A 67 -22.62 3.24 -0.83
CA ILE A 67 -21.85 3.71 -2.00
C ILE A 67 -20.59 2.88 -2.16
N PRO A 68 -20.44 2.17 -3.29
CA PRO A 68 -19.21 1.42 -3.51
C PRO A 68 -17.94 2.26 -3.59
N LEU A 69 -16.89 1.77 -2.92
CA LEU A 69 -15.54 2.20 -3.22
C LEU A 69 -15.17 1.71 -4.62
N ALA A 70 -14.17 2.31 -5.22
CA ALA A 70 -13.66 1.76 -6.49
C ALA A 70 -13.26 0.29 -6.32
N MET A 71 -12.63 -0.04 -5.20
CA MET A 71 -12.19 -1.42 -4.99
C MET A 71 -13.38 -2.37 -4.89
N ASP A 72 -14.52 -1.86 -4.39
CA ASP A 72 -15.73 -2.68 -4.22
C ASP A 72 -16.30 -3.16 -5.55
N ARG A 73 -15.93 -2.47 -6.63
CA ARG A 73 -16.42 -2.80 -7.95
C ARG A 73 -15.69 -3.97 -8.59
N PHE A 74 -14.57 -4.41 -8.00
CA PHE A 74 -13.79 -5.48 -8.58
C PHE A 74 -14.63 -6.76 -8.46
N PRO A 75 -14.71 -7.56 -9.50
CA PRO A 75 -15.60 -8.72 -9.48
C PRO A 75 -15.18 -9.85 -8.54
N TYR A 76 -13.88 -10.05 -8.32
CA TYR A 76 -13.45 -11.26 -7.62
C TYR A 76 -12.82 -10.91 -6.29
N VAL A 77 -13.25 -11.60 -5.26
CA VAL A 77 -12.78 -11.37 -3.91
C VAL A 77 -12.32 -12.68 -3.33
N ALA A 78 -11.20 -12.65 -2.62
CA ALA A 78 -10.76 -13.75 -1.79
C ALA A 78 -10.37 -13.21 -0.44
N LEU A 79 -10.26 -14.11 0.52
CA LEU A 79 -9.66 -13.77 1.81
C LEU A 79 -8.22 -14.27 1.79
N SER A 80 -7.33 -13.46 2.34
CA SER A 80 -5.90 -13.71 2.33
C SER A 80 -5.42 -13.92 3.74
N LYS A 81 -4.76 -15.05 3.98
CA LYS A 81 -4.22 -15.36 5.31
C LYS A 81 -2.81 -14.79 5.44
N THR A 82 -2.63 -13.90 6.42
CA THR A 82 -1.46 -13.02 6.44
C THR A 82 -0.36 -13.43 7.37
N TYR A 83 -0.55 -14.49 8.15
CA TYR A 83 0.46 -14.86 9.14
C TYR A 83 1.83 -14.94 8.50
N ASN A 84 2.84 -14.50 9.23
CA ASN A 84 4.21 -14.78 8.84
C ASN A 84 4.59 -16.15 9.34
N VAL A 85 5.70 -16.67 8.85
CA VAL A 85 6.07 -18.01 9.25
C VAL A 85 6.24 -18.07 10.77
N ASP A 86 6.81 -17.01 11.36
CA ASP A 86 7.18 -17.00 12.79
C ASP A 86 6.24 -16.25 13.73
N LYS A 87 5.30 -15.47 13.19
CA LYS A 87 4.39 -14.68 14.02
C LYS A 87 3.01 -14.70 13.39
N HIS A 88 1.99 -14.87 14.22
CA HIS A 88 0.60 -14.89 13.74
C HIS A 88 0.15 -13.54 13.25
N VAL A 89 0.59 -12.50 13.93
CA VAL A 89 0.27 -11.14 13.51
C VAL A 89 1.54 -10.60 12.84
N PRO A 90 1.48 -10.34 11.55
CA PRO A 90 2.68 -10.13 10.76
C PRO A 90 3.15 -8.70 10.68
N ASP A 91 4.31 -8.48 10.04
CA ASP A 91 4.75 -7.14 9.70
C ASP A 91 4.70 -6.94 8.20
N SER A 92 5.05 -5.74 7.75
CA SER A 92 4.99 -5.39 6.35
C SER A 92 6.07 -6.03 5.48
N GLY A 93 7.23 -6.30 6.07
CA GLY A 93 8.35 -6.87 5.33
C GLY A 93 8.03 -8.26 4.86
N ALA A 94 7.67 -9.13 5.81
CA ALA A 94 7.50 -10.54 5.47
C ALA A 94 6.18 -10.82 4.76
N THR A 95 5.15 -9.99 4.96
CA THR A 95 3.97 -10.06 4.13
C THR A 95 4.33 -9.66 2.70
N ALA A 96 5.16 -8.63 2.53
CA ALA A 96 5.60 -8.22 1.20
C ALA A 96 6.25 -9.40 0.49
N THR A 97 7.05 -10.17 1.20
CA THR A 97 7.66 -11.35 0.59
C THR A 97 6.58 -12.27 0.06
N ALA A 98 5.50 -12.41 0.83
CA ALA A 98 4.41 -13.28 0.43
C ALA A 98 3.69 -12.76 -0.81
N TYR A 99 3.18 -11.54 -0.78
CA TYR A 99 2.32 -11.07 -1.88
C TYR A 99 3.11 -10.55 -3.09
N LEU A 100 4.43 -10.35 -2.93
CA LEU A 100 5.26 -9.90 -4.03
C LEU A 100 6.24 -10.95 -4.52
N CYS A 101 6.65 -11.87 -3.65
CA CYS A 101 7.58 -12.92 -4.07
C CYS A 101 6.98 -14.31 -4.05
N GLY A 102 5.82 -14.49 -3.42
CA GLY A 102 5.11 -15.76 -3.46
C GLY A 102 5.59 -16.78 -2.44
N VAL A 103 6.31 -16.29 -1.42
CA VAL A 103 6.89 -17.16 -0.40
C VAL A 103 6.70 -16.45 0.93
N LYS A 104 6.30 -17.17 1.97
CA LYS A 104 6.19 -16.55 3.29
C LYS A 104 7.56 -16.46 3.97
N GLY A 105 7.69 -15.43 4.80
CA GLY A 105 8.96 -15.14 5.45
C GLY A 105 8.78 -14.86 6.93
N ASN A 106 9.89 -14.56 7.57
CA ASN A 106 9.91 -14.22 8.97
C ASN A 106 9.79 -12.73 9.20
N PHE A 107 9.05 -12.39 10.25
CA PHE A 107 8.79 -11.01 10.69
C PHE A 107 10.02 -10.11 10.52
N GLN A 108 9.84 -9.01 9.80
CA GLN A 108 10.82 -7.92 9.65
C GLN A 108 11.96 -8.17 8.66
N THR A 109 11.93 -9.31 7.97
CA THR A 109 12.77 -9.51 6.81
C THR A 109 11.96 -9.19 5.55
N ILE A 110 12.69 -9.03 4.45
CA ILE A 110 12.09 -8.70 3.18
C ILE A 110 12.74 -9.52 2.07
N GLY A 111 11.93 -10.14 1.23
CA GLY A 111 12.45 -10.81 0.03
C GLY A 111 13.33 -12.00 0.33
N LEU A 112 13.10 -12.61 1.49
CA LEU A 112 13.85 -13.78 1.92
C LEU A 112 12.91 -14.87 2.41
N SER A 113 13.28 -16.11 2.14
CA SER A 113 12.55 -17.26 2.69
C SER A 113 12.70 -17.26 4.20
N ALA A 114 11.94 -18.14 4.85
CA ALA A 114 11.93 -18.17 6.30
C ALA A 114 13.11 -18.98 6.86
N ALA A 115 14.03 -19.40 5.99
CA ALA A 115 15.34 -19.92 6.45
C ALA A 115 16.25 -18.81 6.98
N ALA A 116 16.01 -17.58 6.54
CA ALA A 116 16.73 -16.44 7.03
C ALA A 116 16.23 -16.07 8.41
N ARG A 117 17.00 -15.25 9.11
CA ARG A 117 16.66 -14.81 10.44
C ARG A 117 16.82 -13.30 10.52
N PHE A 118 15.86 -12.65 11.19
CA PHE A 118 15.88 -11.22 11.35
C PHE A 118 17.21 -10.71 11.94
N ASN A 119 17.78 -9.71 11.30
CA ASN A 119 18.97 -9.02 11.80
C ASN A 119 20.21 -9.91 11.88
N GLN A 120 20.22 -10.99 11.12
CA GLN A 120 21.37 -11.88 11.02
C GLN A 120 21.81 -11.94 9.59
N CYS A 121 22.71 -11.02 9.23
CA CYS A 121 23.15 -10.86 7.86
C CYS A 121 23.66 -12.16 7.27
N ASN A 122 24.32 -12.95 8.09
CA ASN A 122 24.94 -14.19 7.61
C ASN A 122 23.95 -15.35 7.35
N THR A 123 22.65 -15.09 7.49
CA THR A 123 21.62 -16.04 7.08
C THR A 123 20.91 -15.62 5.78
N THR A 124 21.46 -14.62 5.08
CA THR A 124 20.81 -14.07 3.92
C THR A 124 20.96 -14.97 2.72
N ARG A 125 22.19 -15.30 2.39
CA ARG A 125 22.47 -15.81 1.05
C ARG A 125 21.93 -17.20 0.87
N GLY A 126 21.31 -17.41 -0.29
CA GLY A 126 20.61 -18.65 -0.63
C GLY A 126 19.13 -18.56 -0.34
N ASN A 127 18.75 -17.55 0.42
CA ASN A 127 17.36 -17.41 0.86
C ASN A 127 16.65 -16.29 0.15
N GLU A 128 17.30 -15.67 -0.82
CA GLU A 128 16.67 -14.63 -1.61
C GLU A 128 15.56 -15.24 -2.46
N VAL A 129 14.40 -14.60 -2.46
CA VAL A 129 13.30 -15.03 -3.31
C VAL A 129 12.94 -13.86 -4.21
N ILE A 130 12.83 -14.13 -5.50
CA ILE A 130 12.75 -13.10 -6.52
C ILE A 130 11.29 -12.66 -6.68
N SER A 131 11.07 -11.36 -6.75
CA SER A 131 9.69 -10.82 -6.79
C SER A 131 9.09 -11.05 -8.15
N VAL A 132 7.77 -11.01 -8.25
CA VAL A 132 7.20 -11.11 -9.61
C VAL A 132 7.53 -9.84 -10.42
N MET A 133 7.72 -8.70 -9.76
CA MET A 133 8.20 -7.50 -10.45
C MET A 133 9.56 -7.73 -11.12
N ASN A 134 10.48 -8.34 -10.39
CA ASN A 134 11.77 -8.70 -10.95
C ASN A 134 11.57 -9.60 -12.19
N ARG A 135 10.69 -10.58 -12.08
CA ARG A 135 10.46 -11.52 -13.17
C ARG A 135 9.80 -10.83 -14.35
N ALA A 136 8.94 -9.86 -14.07
CA ALA A 136 8.32 -9.09 -15.13
C ALA A 136 9.39 -8.31 -15.91
N LYS A 137 10.31 -7.69 -15.19
CA LYS A 137 11.41 -6.97 -15.84
C LYS A 137 12.25 -7.92 -16.69
N LYS A 138 12.54 -9.08 -16.14
CA LYS A 138 13.33 -10.09 -16.86
C LYS A 138 12.65 -10.45 -18.17
N ALA A 139 11.31 -10.48 -18.17
CA ALA A 139 10.51 -10.78 -19.36
C ALA A 139 10.31 -9.57 -20.29
N GLY A 140 10.98 -8.47 -20.00
CA GLY A 140 10.97 -7.31 -20.88
C GLY A 140 9.90 -6.28 -20.59
N LYS A 141 9.16 -6.45 -19.50
CA LYS A 141 8.13 -5.47 -19.14
C LYS A 141 8.80 -4.30 -18.42
N SER A 142 8.16 -3.15 -18.48
CA SER A 142 8.60 -2.05 -17.64
C SER A 142 8.00 -2.24 -16.27
N VAL A 143 8.67 -1.68 -15.25
CA VAL A 143 8.24 -1.88 -13.87
C VAL A 143 8.29 -0.58 -13.07
N GLY A 144 7.32 -0.43 -12.19
CA GLY A 144 7.24 0.78 -11.38
C GLY A 144 6.85 0.47 -9.95
N VAL A 145 7.39 1.29 -9.06
CA VAL A 145 7.11 1.21 -7.64
C VAL A 145 6.64 2.60 -7.23
N VAL A 146 5.43 2.68 -6.68
CA VAL A 146 4.83 3.94 -6.29
C VAL A 146 4.30 3.80 -4.89
N THR A 147 4.65 4.72 -3.99
CA THR A 147 4.13 4.64 -2.63
C THR A 147 4.19 5.98 -1.94
N THR A 148 3.38 6.14 -0.90
CA THR A 148 3.44 7.33 -0.03
C THR A 148 4.46 7.22 1.10
N THR A 149 5.05 6.04 1.28
CA THR A 149 6.14 5.94 2.22
C THR A 149 7.47 6.17 1.50
N ARG A 150 8.53 6.13 2.28
CA ARG A 150 9.86 5.94 1.74
C ARG A 150 9.81 4.82 0.76
N VAL A 151 10.50 4.97 -0.37
CA VAL A 151 10.56 3.90 -1.37
C VAL A 151 11.41 2.71 -0.89
N GLN A 152 12.15 2.94 0.20
CA GLN A 152 12.96 1.94 0.89
C GLN A 152 12.19 1.30 2.04
N HIS A 153 10.94 1.69 2.24
CA HIS A 153 10.11 1.10 3.28
C HIS A 153 9.75 -0.35 2.91
N ALA A 154 9.23 -1.09 3.89
CA ALA A 154 9.18 -2.55 3.79
C ALA A 154 8.38 -3.02 2.58
N SER A 155 7.23 -2.39 2.35
CA SER A 155 6.35 -2.84 1.26
C SER A 155 6.97 -2.66 -0.13
N PRO A 156 7.37 -1.46 -0.54
CA PRO A 156 7.98 -1.30 -1.86
C PRO A 156 9.27 -2.09 -1.96
N ALA A 157 10.01 -2.19 -0.86
CA ALA A 157 11.27 -2.92 -0.86
C ALA A 157 11.05 -4.36 -1.20
N GLY A 158 9.87 -4.89 -0.88
CA GLY A 158 9.55 -6.26 -1.27
C GLY A 158 9.60 -6.51 -2.77
N THR A 159 9.42 -5.48 -3.58
CA THR A 159 9.47 -5.66 -5.03
C THR A 159 10.88 -5.84 -5.56
N TYR A 160 11.88 -5.40 -4.80
CA TYR A 160 13.27 -5.37 -5.30
C TYR A 160 14.36 -5.84 -4.36
N ALA A 161 14.14 -5.76 -3.05
CA ALA A 161 15.20 -5.99 -2.06
C ALA A 161 15.13 -7.39 -1.46
N HIS A 162 16.24 -7.76 -0.85
CA HIS A 162 16.36 -8.94 -0.03
C HIS A 162 17.19 -8.52 1.16
N THR A 163 16.56 -8.51 2.32
CA THR A 163 17.26 -8.12 3.53
C THR A 163 16.68 -8.76 4.79
N VAL A 164 17.59 -9.10 5.69
CA VAL A 164 17.21 -9.63 7.00
C VAL A 164 16.73 -8.55 7.96
N ASN A 165 16.87 -7.30 7.57
CA ASN A 165 16.45 -6.23 8.43
C ASN A 165 15.84 -5.07 7.65
N ARG A 166 14.53 -4.98 7.74
CA ARG A 166 13.80 -3.90 7.08
C ARG A 166 14.23 -2.50 7.55
N ASN A 167 14.89 -2.41 8.70
CA ASN A 167 15.33 -1.13 9.24
C ASN A 167 16.59 -0.57 8.60
N TRP A 168 17.20 -1.34 7.69
CA TRP A 168 18.44 -0.93 7.06
C TRP A 168 18.22 -0.05 5.85
N TYR A 169 17.70 1.14 6.09
CA TYR A 169 17.35 2.03 4.99
C TYR A 169 18.57 2.55 4.22
N SER A 170 19.59 3.01 4.96
CA SER A 170 20.86 3.41 4.36
C SER A 170 22.01 2.72 5.09
N ASP A 171 23.21 2.94 4.58
CA ASP A 171 24.41 2.37 5.19
C ASP A 171 24.56 2.76 6.67
N ALA A 172 24.07 3.95 7.02
CA ALA A 172 24.10 4.44 8.40
C ALA A 172 23.39 3.50 9.38
N ASP A 173 22.42 2.75 8.87
CA ASP A 173 21.65 1.82 9.67
C ASP A 173 22.25 0.44 9.80
N VAL A 174 23.16 0.09 8.91
CA VAL A 174 23.67 -1.27 8.84
C VAL A 174 24.87 -1.40 9.78
N PRO A 175 24.84 -2.34 10.72
CA PRO A 175 25.98 -2.55 11.61
C PRO A 175 27.24 -2.89 10.84
N ALA A 176 28.40 -2.52 11.40
CA ALA A 176 29.67 -2.79 10.74
C ALA A 176 29.80 -4.23 10.27
N SER A 177 29.44 -5.17 11.14
CA SER A 177 29.59 -6.59 10.80
C SER A 177 28.81 -6.96 9.54
N ALA A 178 27.59 -6.43 9.41
CA ALA A 178 26.73 -6.74 8.27
C ALA A 178 27.22 -6.06 7.00
N ARG A 179 27.76 -4.86 7.14
CA ARG A 179 28.37 -4.18 6.02
C ARG A 179 29.55 -5.00 5.50
N GLN A 180 30.39 -5.51 6.40
CA GLN A 180 31.57 -6.30 5.97
C GLN A 180 31.08 -7.55 5.27
N GLU A 181 30.00 -8.12 5.78
CA GLU A 181 29.39 -9.32 5.21
C GLU A 181 28.59 -9.08 3.92
N GLY A 182 28.49 -7.84 3.48
CA GLY A 182 27.89 -7.54 2.18
C GLY A 182 26.38 -7.45 2.17
N CYS A 183 25.77 -7.24 3.33
CA CYS A 183 24.34 -6.94 3.35
C CYS A 183 24.17 -5.47 3.04
N GLN A 184 23.64 -5.20 1.86
CA GLN A 184 23.51 -3.83 1.38
C GLN A 184 22.26 -3.20 1.95
N ASP A 185 22.38 -1.93 2.27
CA ASP A 185 21.22 -1.16 2.69
C ASP A 185 20.20 -1.12 1.58
N ILE A 186 18.97 -0.86 1.97
CA ILE A 186 17.85 -0.94 1.02
C ILE A 186 17.97 0.13 -0.07
N ALA A 187 18.44 1.32 0.27
CA ALA A 187 18.61 2.38 -0.73
C ALA A 187 19.57 1.95 -1.83
N THR A 188 20.68 1.32 -1.44
CA THR A 188 21.59 0.77 -2.43
C THR A 188 20.92 -0.32 -3.26
N GLN A 189 20.21 -1.24 -2.61
CA GLN A 189 19.50 -2.30 -3.34
C GLN A 189 18.49 -1.75 -4.34
N LEU A 190 17.83 -0.66 -3.97
CA LEU A 190 16.90 0.02 -4.87
C LEU A 190 17.51 0.35 -6.24
N ILE A 191 18.75 0.84 -6.24
CA ILE A 191 19.38 1.24 -7.50
C ILE A 191 20.22 0.13 -8.11
N SER A 192 20.51 -0.92 -7.35
CA SER A 192 21.51 -1.92 -7.77
C SER A 192 20.94 -3.30 -8.13
N ASN A 193 19.88 -3.74 -7.46
CA ASN A 193 19.41 -5.12 -7.61
C ASN A 193 18.82 -5.38 -9.00
N MET A 194 18.02 -4.43 -9.47
CA MET A 194 17.32 -4.62 -10.73
C MET A 194 17.02 -3.25 -11.31
N ASP A 195 16.73 -3.26 -12.60
CA ASP A 195 16.34 -2.07 -13.30
C ASP A 195 14.88 -1.79 -12.97
N ILE A 196 14.59 -0.60 -12.48
CA ILE A 196 13.23 -0.18 -12.19
C ILE A 196 12.99 1.08 -13.00
N ASP A 197 11.93 1.07 -13.81
CA ASP A 197 11.69 2.17 -14.72
C ASP A 197 11.10 3.39 -14.03
N VAL A 198 10.25 3.17 -13.03
CA VAL A 198 9.64 4.27 -12.31
C VAL A 198 9.72 3.98 -10.83
N ILE A 199 10.23 4.94 -10.08
CA ILE A 199 10.31 4.86 -8.62
C ILE A 199 9.79 6.18 -8.11
N LEU A 200 8.66 6.16 -7.40
CA LEU A 200 8.02 7.37 -6.90
C LEU A 200 7.58 7.17 -5.47
N GLY A 201 8.00 8.09 -4.61
CA GLY A 201 7.56 8.10 -3.23
C GLY A 201 8.49 8.94 -2.39
N GLY A 202 8.64 8.58 -1.12
CA GLY A 202 9.50 9.32 -0.22
C GLY A 202 10.87 8.70 -0.17
N GLY A 203 11.70 9.18 0.76
CA GLY A 203 12.99 8.55 1.02
C GLY A 203 14.19 9.18 0.37
N ARG A 204 14.14 10.49 0.11
CA ARG A 204 15.31 11.21 -0.41
C ARG A 204 16.57 11.02 0.42
N LYS A 205 16.43 11.08 1.74
CA LYS A 205 17.58 11.31 2.60
C LYS A 205 18.58 10.17 2.57
N TYR A 206 18.09 8.97 2.28
CA TYR A 206 18.94 7.77 2.30
C TYR A 206 19.82 7.64 1.06
N MET A 207 19.63 8.54 0.11
CA MET A 207 20.33 8.46 -1.17
C MET A 207 21.56 9.35 -1.22
N PHE A 208 21.75 10.19 -0.20
CA PHE A 208 22.77 11.23 -0.24
C PHE A 208 23.67 11.19 0.97
N ARG A 209 24.89 11.69 0.82
CA ARG A 209 25.84 11.64 1.91
C ARG A 209 25.48 12.63 3.00
N MET A 210 25.83 12.28 4.23
CA MET A 210 25.75 13.20 5.35
C MET A 210 26.33 14.54 4.96
N GLY A 211 25.63 15.61 5.30
CA GLY A 211 26.03 16.96 4.93
C GLY A 211 25.28 17.50 3.75
N THR A 212 24.62 16.63 2.99
CA THR A 212 23.88 17.04 1.82
C THR A 212 22.56 17.67 2.25
N PRO A 213 22.40 18.96 1.99
CA PRO A 213 21.16 19.62 2.33
C PRO A 213 20.02 19.00 1.55
N ASP A 214 18.90 18.78 2.21
CA ASP A 214 17.69 18.41 1.47
C ASP A 214 17.26 19.60 0.62
N PRO A 215 16.90 19.38 -0.65
CA PRO A 215 16.55 20.51 -1.52
C PRO A 215 15.28 21.23 -1.09
N GLU A 216 14.41 20.52 -0.39
CA GLU A 216 13.12 21.08 -0.01
C GLU A 216 13.18 21.67 1.39
N TYR A 217 14.05 21.12 2.23
CA TYR A 217 14.22 21.58 3.60
C TYR A 217 15.69 21.84 3.90
N PRO A 218 16.31 22.76 3.15
CA PRO A 218 17.74 23.00 3.23
C PRO A 218 18.19 23.60 4.56
N ASP A 219 17.24 24.03 5.38
CA ASP A 219 17.52 24.62 6.69
C ASP A 219 17.19 23.69 7.86
N ASP A 220 16.82 22.44 7.57
CA ASP A 220 16.57 21.45 8.62
C ASP A 220 17.54 20.28 8.46
N TYR A 221 18.58 20.26 9.29
CA TYR A 221 19.67 19.32 9.08
C TYR A 221 19.23 17.86 9.23
N SER A 222 18.25 17.63 10.09
CA SER A 222 17.71 16.27 10.30
C SER A 222 17.12 15.67 9.03
N GLN A 223 16.79 16.50 8.05
CA GLN A 223 16.22 16.04 6.78
C GLN A 223 17.26 15.79 5.70
N GLY A 224 18.52 16.05 6.00
CA GLY A 224 19.58 15.94 5.03
C GLY A 224 20.04 14.51 4.83
N GLY A 225 21.05 14.35 3.98
CA GLY A 225 21.56 13.03 3.63
C GLY A 225 21.99 12.25 4.84
N THR A 226 21.84 10.92 4.78
CA THR A 226 22.17 10.06 5.90
C THR A 226 23.43 9.26 5.67
N ARG A 227 23.92 9.19 4.42
CA ARG A 227 24.90 8.18 4.06
C ARG A 227 26.28 8.50 4.60
N LEU A 228 26.96 7.44 5.01
CA LEU A 228 28.30 7.54 5.59
C LEU A 228 29.38 7.07 4.59
N ASP A 229 28.96 6.47 3.47
CA ASP A 229 29.88 5.93 2.47
C ASP A 229 30.21 6.87 1.31
N GLY A 230 29.78 8.14 1.44
CA GLY A 230 30.06 9.16 0.44
C GLY A 230 29.30 9.06 -0.86
N LYS A 231 28.41 8.09 -0.97
CA LYS A 231 27.74 7.83 -2.25
C LYS A 231 26.55 8.74 -2.47
N ASN A 232 26.41 9.18 -3.70
CA ASN A 232 25.20 9.80 -4.18
C ASN A 232 24.49 8.75 -5.04
N LEU A 233 23.50 8.07 -4.45
CA LEU A 233 22.85 6.96 -5.14
C LEU A 233 21.96 7.44 -6.28
N VAL A 234 21.49 8.68 -6.18
CA VAL A 234 20.71 9.25 -7.28
C VAL A 234 21.60 9.47 -8.50
N GLN A 235 22.75 10.07 -8.29
CA GLN A 235 23.68 10.30 -9.41
C GLN A 235 24.13 8.96 -10.00
N GLU A 236 24.40 7.98 -9.14
CA GLU A 236 24.76 6.64 -9.60
C GLU A 236 23.67 6.02 -10.46
N TRP A 237 22.43 6.13 -10.00
CA TRP A 237 21.28 5.62 -10.74
C TRP A 237 21.13 6.32 -12.09
N LEU A 238 21.21 7.64 -12.09
CA LEU A 238 21.12 8.41 -13.33
C LEU A 238 22.22 8.00 -14.31
N ALA A 239 23.42 7.77 -13.78
CA ALA A 239 24.59 7.45 -14.60
C ALA A 239 24.48 6.11 -15.32
N LYS A 240 23.68 5.19 -14.79
CA LYS A 240 23.52 3.87 -15.42
C LYS A 240 22.50 3.87 -16.56
N ARG A 241 21.78 4.97 -16.76
CA ARG A 241 20.57 4.97 -17.60
C ARG A 241 20.46 6.20 -18.48
N GLN A 242 20.54 6.00 -19.79
CA GLN A 242 20.25 7.07 -20.74
C GLN A 242 18.75 7.33 -20.70
N GLY A 243 18.36 8.59 -20.59
CA GLY A 243 16.96 8.95 -20.48
C GLY A 243 16.47 8.91 -19.04
N ALA A 244 17.36 8.80 -18.07
CA ALA A 244 16.94 8.82 -16.69
C ALA A 244 16.78 10.25 -16.20
N ARG A 245 15.80 10.45 -15.32
CA ARG A 245 15.55 11.75 -14.72
C ARG A 245 15.23 11.53 -13.25
N TYR A 246 15.75 12.44 -12.42
CA TYR A 246 15.43 12.50 -11.01
C TYR A 246 14.63 13.76 -10.76
N VAL A 247 13.54 13.64 -10.02
CA VAL A 247 12.76 14.78 -9.58
C VAL A 247 12.46 14.68 -8.10
N TRP A 248 12.24 15.83 -7.47
CA TRP A 248 11.90 15.88 -6.05
C TRP A 248 10.66 16.69 -5.73
N ASN A 249 10.02 17.25 -6.75
CA ASN A 249 8.78 17.96 -6.56
C ASN A 249 7.79 17.68 -7.69
N ARG A 250 6.55 18.09 -7.45
CA ARG A 250 5.42 17.75 -8.29
C ARG A 250 5.54 18.36 -9.68
N THR A 251 6.01 19.60 -9.75
CA THR A 251 6.09 20.23 -11.07
C THR A 251 7.09 19.53 -11.99
N GLU A 252 8.23 19.14 -11.45
CA GLU A 252 9.18 18.37 -12.22
C GLU A 252 8.67 16.96 -12.56
N LEU A 253 7.93 16.35 -11.64
CA LEU A 253 7.30 15.06 -11.93
C LEU A 253 6.38 15.15 -13.15
N MET A 254 5.52 16.18 -13.14
CA MET A 254 4.58 16.40 -14.24
C MET A 254 5.34 16.53 -15.55
N GLN A 255 6.38 17.36 -15.55
CA GLN A 255 7.17 17.59 -16.75
C GLN A 255 7.77 16.29 -17.25
N ALA A 256 8.39 15.55 -16.34
CA ALA A 256 9.00 14.27 -16.68
C ALA A 256 7.99 13.27 -17.24
N SER A 257 6.79 13.20 -16.66
CA SER A 257 5.83 12.17 -17.04
C SER A 257 5.30 12.34 -18.46
N LEU A 258 5.41 13.56 -19.00
CA LEU A 258 4.96 13.87 -20.36
C LEU A 258 6.12 14.00 -21.35
N ASP A 259 7.33 13.74 -20.89
CA ASP A 259 8.52 13.94 -21.69
C ASP A 259 8.89 12.63 -22.37
N PRO A 260 8.81 12.59 -23.70
CA PRO A 260 9.00 11.33 -24.41
C PRO A 260 10.42 10.77 -24.26
N SER A 261 11.37 11.63 -23.93
CA SER A 261 12.77 11.23 -23.80
C SER A 261 13.09 10.60 -22.43
N VAL A 262 12.12 10.51 -21.54
CA VAL A 262 12.47 10.12 -20.16
C VAL A 262 12.78 8.61 -19.95
N THR A 263 11.91 7.68 -20.27
CA THR A 263 12.21 6.24 -20.06
C THR A 263 12.50 5.73 -18.62
N HIS A 264 13.28 6.45 -17.79
CA HIS A 264 13.48 6.07 -16.37
C HIS A 264 13.27 7.26 -15.44
N LEU A 265 12.44 7.10 -14.42
CA LEU A 265 12.07 8.23 -13.59
C LEU A 265 12.14 7.87 -12.12
N MET A 266 12.93 8.63 -11.37
CA MET A 266 12.98 8.50 -9.92
C MET A 266 12.49 9.80 -9.32
N GLY A 267 11.41 9.71 -8.55
CA GLY A 267 10.82 10.88 -7.90
C GLY A 267 10.73 10.63 -6.41
N LEU A 268 11.54 11.37 -5.65
CA LEU A 268 11.62 11.22 -4.21
C LEU A 268 11.19 12.54 -3.59
N PHE A 269 9.99 12.56 -3.00
CA PHE A 269 9.28 13.79 -2.76
C PHE A 269 9.34 14.28 -1.34
N GLU A 270 9.84 13.44 -0.44
CA GLU A 270 10.15 13.89 0.92
C GLU A 270 11.42 13.21 1.38
N PRO A 271 12.06 13.74 2.42
CA PRO A 271 13.25 13.10 2.98
C PRO A 271 12.92 11.70 3.47
N GLY A 272 11.81 11.58 4.19
CA GLY A 272 11.31 10.29 4.67
C GLY A 272 9.99 9.99 3.99
N ASP A 273 9.00 9.58 4.78
CA ASP A 273 7.69 9.29 4.24
C ASP A 273 7.01 10.55 3.74
N MET A 274 6.11 10.40 2.79
CA MET A 274 5.39 11.55 2.32
C MET A 274 4.43 12.01 3.41
N LYS A 275 4.03 13.28 3.36
CA LYS A 275 3.07 13.77 4.32
C LYS A 275 1.73 13.04 4.14
N TYR A 276 0.97 12.96 5.21
CA TYR A 276 -0.41 12.53 5.10
C TYR A 276 -1.09 13.40 4.06
N GLU A 277 -2.02 12.81 3.33
CA GLU A 277 -2.74 13.55 2.31
C GLU A 277 -3.37 14.83 2.85
N ILE A 278 -3.88 14.79 4.08
CA ILE A 278 -4.48 15.98 4.70
C ILE A 278 -3.47 17.10 5.00
N HIS A 279 -2.18 16.76 4.99
CA HIS A 279 -1.11 17.73 5.20
C HIS A 279 -0.30 18.00 3.93
N ARG A 280 -0.66 17.37 2.83
CA ARG A 280 0.15 17.47 1.61
C ARG A 280 0.10 18.88 1.04
N ASP A 281 1.28 19.38 0.67
CA ASP A 281 1.40 20.63 -0.05
C ASP A 281 1.22 20.32 -1.53
N SER A 282 0.08 20.70 -2.08
CA SER A 282 -0.28 20.28 -3.43
C SER A 282 0.48 21.01 -4.55
N THR A 283 1.30 21.99 -4.18
CA THR A 283 2.19 22.62 -5.13
C THR A 283 3.49 21.84 -5.21
N LEU A 284 3.97 21.36 -4.06
CA LEU A 284 5.27 20.71 -3.99
C LEU A 284 5.22 19.20 -4.15
N ASP A 285 4.10 18.59 -3.77
CA ASP A 285 4.03 17.13 -3.70
C ASP A 285 2.85 16.53 -4.44
N PRO A 286 3.08 15.45 -5.17
CA PRO A 286 2.01 14.76 -5.85
C PRO A 286 1.25 13.85 -4.86
N SER A 287 -0.05 13.71 -5.09
CA SER A 287 -0.83 12.73 -4.34
C SER A 287 -0.50 11.34 -4.83
N LEU A 288 -0.94 10.34 -4.09
CA LEU A 288 -0.78 8.96 -4.54
C LEU A 288 -1.39 8.75 -5.92
N MET A 289 -2.58 9.30 -6.12
CA MET A 289 -3.25 9.18 -7.39
C MET A 289 -2.42 9.81 -8.52
N GLU A 290 -1.85 10.99 -8.27
CA GLU A 290 -1.04 11.68 -9.26
C GLU A 290 0.24 10.89 -9.57
N MET A 291 0.87 10.34 -8.54
CA MET A 291 2.05 9.51 -8.76
C MET A 291 1.70 8.26 -9.55
N THR A 292 0.52 7.66 -9.31
CA THR A 292 0.21 6.45 -10.12
C THR A 292 -0.08 6.79 -11.58
N GLU A 293 -0.71 7.93 -11.84
CA GLU A 293 -0.87 8.37 -13.22
C GLU A 293 0.47 8.66 -13.89
N ALA A 294 1.36 9.36 -13.18
CA ALA A 294 2.71 9.60 -13.72
C ALA A 294 3.40 8.28 -14.06
N ALA A 295 3.31 7.31 -13.17
CA ALA A 295 3.91 6.01 -13.44
C ALA A 295 3.28 5.37 -14.68
N LEU A 296 1.97 5.45 -14.79
CA LEU A 296 1.27 4.83 -15.91
C LEU A 296 1.63 5.48 -17.24
N ARG A 297 1.80 6.79 -17.23
CA ARG A 297 2.23 7.50 -18.44
C ARG A 297 3.50 6.90 -19.03
N LEU A 298 4.50 6.66 -18.19
CA LEU A 298 5.75 6.07 -18.66
C LEU A 298 5.66 4.57 -18.90
N LEU A 299 5.10 3.83 -17.94
CA LEU A 299 5.08 2.36 -18.03
C LEU A 299 4.30 1.84 -19.22
N SER A 300 3.25 2.56 -19.60
CA SER A 300 2.35 2.13 -20.65
C SER A 300 3.00 2.20 -22.05
N ARG A 301 4.16 2.82 -22.15
CA ARG A 301 4.83 2.97 -23.44
C ARG A 301 5.41 1.65 -23.95
N ASN A 302 5.72 0.74 -23.04
CA ASN A 302 6.33 -0.52 -23.40
C ASN A 302 5.30 -1.46 -24.02
N PRO A 303 5.49 -1.88 -25.27
CA PRO A 303 4.53 -2.78 -25.93
C PRO A 303 4.40 -4.17 -25.29
N ARG A 304 5.40 -4.55 -24.51
CA ARG A 304 5.40 -5.81 -23.78
C ARG A 304 4.62 -5.72 -22.47
N GLY A 305 4.21 -4.52 -22.07
CA GLY A 305 3.46 -4.33 -20.84
C GLY A 305 4.28 -3.92 -19.65
N PHE A 306 3.64 -3.89 -18.49
CA PHE A 306 4.29 -3.42 -17.27
C PHE A 306 3.79 -4.13 -16.04
N PHE A 307 4.60 -4.07 -14.99
CA PHE A 307 4.18 -4.40 -13.64
C PHE A 307 4.27 -3.15 -12.82
N LEU A 308 3.19 -2.84 -12.09
CA LEU A 308 3.15 -1.66 -11.24
C LEU A 308 2.69 -1.99 -9.82
N PHE A 309 3.48 -1.53 -8.85
CA PHE A 309 3.17 -1.61 -7.44
C PHE A 309 2.75 -0.23 -7.02
N VAL A 310 1.53 -0.13 -6.45
CA VAL A 310 1.01 1.12 -5.90
C VAL A 310 0.61 0.92 -4.44
N GLU A 311 1.21 1.68 -3.55
CA GLU A 311 0.92 1.50 -2.12
C GLU A 311 0.29 2.70 -1.45
N GLY A 312 -0.85 2.47 -0.82
CA GLY A 312 -1.41 3.40 0.17
C GLY A 312 -0.71 3.08 1.45
N GLY A 313 0.48 3.64 1.62
CA GLY A 313 1.40 3.15 2.62
C GLY A 313 1.18 3.73 4.01
N ARG A 314 0.48 4.86 4.09
CA ARG A 314 0.30 5.52 5.37
C ARG A 314 -1.07 5.32 6.01
N ILE A 315 -1.93 4.52 5.37
CA ILE A 315 -3.10 3.97 6.04
C ILE A 315 -2.64 3.37 7.36
N ASP A 316 -1.64 2.53 7.25
CA ASP A 316 -1.02 1.84 8.36
C ASP A 316 -0.59 2.80 9.46
N HIS A 317 0.09 3.85 9.04
CA HIS A 317 0.63 4.83 9.96
C HIS A 317 -0.46 5.53 10.74
N GLY A 318 -1.58 5.84 10.08
CA GLY A 318 -2.71 6.45 10.76
C GLY A 318 -3.20 5.55 11.88
N HIS A 319 -3.39 4.27 11.57
CA HIS A 319 -3.86 3.34 12.57
C HIS A 319 -2.84 3.20 13.72
N HIS A 320 -1.55 3.18 13.41
CA HIS A 320 -0.55 3.07 14.46
C HIS A 320 -0.66 4.22 15.46
N GLU A 321 -1.02 5.40 14.96
CA GLU A 321 -1.21 6.57 15.80
C GLU A 321 -2.57 6.53 16.49
N SER A 322 -3.38 5.52 16.18
CA SER A 322 -4.76 5.48 16.60
C SER A 322 -5.50 6.74 16.22
N ARG A 323 -5.14 7.29 15.06
CA ARG A 323 -5.88 8.41 14.47
C ARG A 323 -6.60 7.92 13.24
N ALA A 324 -7.81 7.41 13.48
CA ALA A 324 -8.61 6.83 12.39
C ALA A 324 -8.85 7.85 11.27
N TYR A 325 -8.92 9.13 11.61
CA TYR A 325 -9.10 10.14 10.57
C TYR A 325 -8.01 10.06 9.50
N ARG A 326 -6.78 9.89 9.95
CA ARG A 326 -5.63 9.77 9.06
C ARG A 326 -5.66 8.44 8.33
N ALA A 327 -5.92 7.36 9.06
CA ALA A 327 -6.02 6.04 8.40
C ALA A 327 -7.04 6.03 7.27
N LEU A 328 -8.22 6.59 7.52
CA LEU A 328 -9.31 6.48 6.56
C LEU A 328 -9.18 7.47 5.40
N THR A 329 -8.66 8.67 5.66
CA THR A 329 -8.40 9.58 4.55
C THR A 329 -7.28 9.04 3.65
N GLU A 330 -6.29 8.39 4.24
CA GLU A 330 -5.28 7.72 3.40
C GLU A 330 -5.92 6.61 2.55
N THR A 331 -6.90 5.92 3.12
CA THR A 331 -7.56 4.83 2.43
C THR A 331 -8.38 5.35 1.25
N ILE A 332 -9.04 6.48 1.44
CA ILE A 332 -9.80 7.06 0.36
C ILE A 332 -8.91 7.45 -0.81
N MET A 333 -7.75 8.07 -0.51
CA MET A 333 -6.83 8.47 -1.58
C MET A 333 -6.32 7.21 -2.30
N PHE A 334 -6.06 6.17 -1.52
CA PHE A 334 -5.65 4.89 -2.09
C PHE A 334 -6.73 4.40 -3.06
N ASP A 335 -7.98 4.41 -2.61
CA ASP A 335 -9.08 4.02 -3.49
C ASP A 335 -9.19 4.93 -4.70
N ASP A 336 -8.89 6.21 -4.54
CA ASP A 336 -8.87 7.15 -5.67
C ASP A 336 -7.80 6.81 -6.67
N ALA A 337 -6.65 6.36 -6.20
CA ALA A 337 -5.58 5.91 -7.08
C ALA A 337 -5.99 4.65 -7.84
N ILE A 338 -6.64 3.71 -7.15
CA ILE A 338 -7.19 2.52 -7.81
C ILE A 338 -8.15 2.91 -8.94
N GLU A 339 -9.07 3.80 -8.63
CA GLU A 339 -10.05 4.27 -9.59
C GLU A 339 -9.35 4.89 -10.79
N ARG A 340 -8.36 5.73 -10.53
CA ARG A 340 -7.64 6.40 -11.60
C ARG A 340 -6.90 5.41 -12.51
N ALA A 341 -6.22 4.45 -11.92
CA ALA A 341 -5.54 3.43 -12.69
C ALA A 341 -6.55 2.65 -13.53
N GLY A 342 -7.74 2.40 -13.00
CA GLY A 342 -8.77 1.74 -13.78
C GLY A 342 -9.20 2.53 -15.01
N GLN A 343 -9.12 3.86 -14.92
CA GLN A 343 -9.45 4.71 -16.07
C GLN A 343 -8.37 4.72 -17.14
N LEU A 344 -7.13 4.43 -16.75
CA LEU A 344 -5.98 4.56 -17.63
C LEU A 344 -5.48 3.22 -18.17
N THR A 345 -6.13 2.14 -17.76
CA THR A 345 -5.80 0.81 -18.24
C THR A 345 -7.06 0.04 -18.56
N SER A 346 -6.89 -1.05 -19.29
CA SER A 346 -7.99 -1.91 -19.71
C SER A 346 -8.00 -3.21 -18.93
N GLU A 347 -9.16 -3.58 -18.40
CA GLU A 347 -9.29 -4.89 -17.80
C GLU A 347 -9.23 -6.03 -18.83
N GLU A 348 -9.24 -5.71 -20.13
CA GLU A 348 -9.05 -6.72 -21.17
C GLU A 348 -7.64 -7.28 -21.14
N ASP A 349 -6.67 -6.47 -20.72
CA ASP A 349 -5.27 -6.92 -20.75
C ASP A 349 -4.46 -6.62 -19.47
N THR A 350 -5.13 -6.05 -18.47
CA THR A 350 -4.49 -5.69 -17.23
C THR A 350 -5.10 -6.42 -16.04
N LEU A 351 -4.32 -7.23 -15.34
CA LEU A 351 -4.80 -7.85 -14.10
C LEU A 351 -4.45 -6.91 -12.95
N SER A 352 -5.46 -6.45 -12.24
CA SER A 352 -5.29 -5.57 -11.10
C SER A 352 -5.76 -6.31 -9.88
N LEU A 353 -4.90 -6.37 -8.86
CA LEU A 353 -5.27 -6.87 -7.55
C LEU A 353 -5.16 -5.74 -6.55
N VAL A 354 -6.15 -5.63 -5.67
CA VAL A 354 -6.12 -4.73 -4.53
C VAL A 354 -6.12 -5.59 -3.30
N THR A 355 -5.19 -5.34 -2.39
CA THR A 355 -5.18 -6.09 -1.17
C THR A 355 -4.51 -5.28 -0.07
N ALA A 356 -4.39 -5.90 1.09
CA ALA A 356 -3.70 -5.33 2.24
C ALA A 356 -2.62 -6.29 2.67
N ASP A 357 -1.56 -5.77 3.27
CA ASP A 357 -0.54 -6.66 3.83
C ASP A 357 -1.03 -7.35 5.11
N HIS A 358 -1.83 -6.63 5.91
CA HIS A 358 -2.40 -7.14 7.15
C HIS A 358 -3.35 -6.06 7.63
N SER A 359 -4.00 -6.30 8.76
CA SER A 359 -4.97 -5.39 9.32
C SER A 359 -4.41 -4.70 10.56
N HIS A 360 -5.33 -4.16 11.36
CA HIS A 360 -5.08 -3.41 12.56
C HIS A 360 -6.20 -3.76 13.52
N VAL A 361 -6.00 -3.48 14.80
CA VAL A 361 -6.98 -3.77 15.87
C VAL A 361 -8.03 -2.66 15.97
N PHE A 362 -8.47 -2.24 14.79
CA PHE A 362 -9.41 -1.17 14.54
C PHE A 362 -10.81 -1.74 14.46
N SER A 363 -11.75 -1.17 15.22
CA SER A 363 -13.12 -1.63 15.18
C SER A 363 -14.10 -0.51 14.99
N PHE A 364 -15.24 -0.90 14.42
CA PHE A 364 -16.33 0.01 14.10
C PHE A 364 -17.58 -0.54 14.78
N GLY A 365 -18.00 0.07 15.89
CA GLY A 365 -19.08 -0.47 16.70
C GLY A 365 -19.96 0.64 17.26
N GLY A 366 -20.53 0.40 18.43
CA GLY A 366 -21.68 1.15 18.89
C GLY A 366 -22.80 0.85 17.93
N TYR A 367 -23.87 1.58 18.06
CA TYR A 367 -25.00 1.37 17.18
C TYR A 367 -25.38 2.69 16.55
N PRO A 368 -24.46 3.27 15.78
CA PRO A 368 -24.70 4.57 15.15
C PRO A 368 -25.80 4.52 14.10
N LEU A 369 -26.48 5.64 13.97
CA LEU A 369 -27.55 5.78 12.99
C LEU A 369 -27.00 5.94 11.59
N ARG A 370 -27.80 5.47 10.65
CA ARG A 370 -27.50 5.63 9.25
C ARG A 370 -27.23 7.11 8.94
N GLY A 371 -26.14 7.36 8.24
CA GLY A 371 -25.77 8.71 7.87
C GLY A 371 -24.90 9.47 8.85
N SER A 372 -24.70 8.92 10.05
CA SER A 372 -23.87 9.57 11.05
C SER A 372 -22.39 9.46 10.69
N SER A 373 -21.62 10.45 11.12
CA SER A 373 -20.20 10.51 10.84
C SER A 373 -19.49 9.32 11.46
N ILE A 374 -18.58 8.72 10.71
CA ILE A 374 -17.75 7.62 11.19
C ILE A 374 -16.88 8.04 12.37
N PHE A 375 -16.60 9.33 12.49
CA PHE A 375 -15.79 9.85 13.61
C PHE A 375 -16.62 10.29 14.80
N GLY A 376 -17.92 10.04 14.75
CA GLY A 376 -18.82 10.45 15.81
C GLY A 376 -18.89 9.52 17.00
N LEU A 377 -19.75 9.93 17.92
CA LEU A 377 -19.96 9.22 19.17
C LEU A 377 -21.03 8.15 18.98
N ALA A 378 -20.85 7.02 19.65
CA ALA A 378 -21.89 6.02 19.69
C ALA A 378 -23.09 6.63 20.41
N PRO A 379 -24.30 6.32 19.99
CA PRO A 379 -25.47 6.73 20.76
C PRO A 379 -25.42 6.09 22.13
N GLY A 380 -25.81 6.85 23.15
CA GLY A 380 -25.90 6.28 24.48
C GLY A 380 -24.54 6.18 25.17
N LYS A 381 -24.60 6.37 26.48
CA LYS A 381 -23.40 6.47 27.28
C LYS A 381 -22.87 5.09 27.59
N ALA A 382 -21.59 5.04 27.92
CA ALA A 382 -20.99 3.82 28.41
C ALA A 382 -21.41 3.59 29.85
N ARG A 383 -20.99 2.47 30.40
CA ARG A 383 -21.34 2.10 31.76
C ARG A 383 -20.82 3.10 32.78
N ASP A 384 -19.78 3.85 32.42
CA ASP A 384 -19.25 4.89 33.30
C ASP A 384 -19.94 6.24 33.06
N ARG A 385 -21.06 6.21 32.35
CA ARG A 385 -21.88 7.39 32.05
C ARG A 385 -21.19 8.46 31.22
N LYS A 386 -20.08 8.13 30.57
CA LYS A 386 -19.42 9.05 29.66
C LYS A 386 -19.60 8.54 28.23
N ALA A 387 -19.40 9.43 27.28
CA ALA A 387 -19.61 9.07 25.87
C ALA A 387 -18.48 8.18 25.38
N TYR A 388 -18.70 7.52 24.24
CA TYR A 388 -17.63 6.80 23.59
C TYR A 388 -17.80 6.85 22.09
N THR A 389 -16.75 6.53 21.35
CA THR A 389 -16.77 6.67 19.89
C THR A 389 -17.11 5.37 19.20
N VAL A 390 -17.65 5.49 17.99
CA VAL A 390 -17.97 4.29 17.21
C VAL A 390 -16.69 3.61 16.72
N LEU A 391 -15.65 4.39 16.50
CA LEU A 391 -14.33 3.85 16.14
C LEU A 391 -13.48 3.68 17.39
N LEU A 392 -12.91 2.50 17.58
CA LEU A 392 -12.05 2.23 18.71
C LEU A 392 -10.92 1.33 18.27
N TYR A 393 -9.89 1.24 19.10
CA TYR A 393 -8.77 0.35 18.86
C TYR A 393 -8.65 -0.62 20.03
N GLY A 394 -8.15 -1.81 19.77
CA GLY A 394 -7.87 -2.74 20.87
C GLY A 394 -6.76 -2.22 21.75
N ASN A 395 -5.71 -1.72 21.12
CA ASN A 395 -4.58 -1.20 21.86
C ASN A 395 -4.07 0.05 21.14
N GLY A 396 -3.19 0.78 21.79
CA GLY A 396 -2.56 1.92 21.15
C GLY A 396 -2.57 3.17 21.99
N PRO A 397 -2.06 4.25 21.42
CA PRO A 397 -1.79 5.47 22.17
C PRO A 397 -2.98 6.35 22.48
N GLY A 398 -4.18 5.88 22.17
CA GLY A 398 -5.40 6.60 22.53
C GLY A 398 -5.93 6.21 23.90
N TYR A 399 -5.30 5.23 24.56
CA TYR A 399 -5.70 4.90 25.91
C TYR A 399 -5.34 6.06 26.84
N VAL A 400 -6.32 6.55 27.56
CA VAL A 400 -6.11 7.68 28.45
C VAL A 400 -6.86 7.48 29.74
N LEU A 401 -6.23 7.91 30.82
CA LEU A 401 -6.90 8.17 32.07
C LEU A 401 -6.64 9.63 32.41
N LYS A 402 -7.71 10.40 32.53
CA LYS A 402 -7.67 11.77 33.04
C LYS A 402 -8.27 11.74 34.44
N ASP A 403 -7.50 12.16 35.45
CA ASP A 403 -7.92 12.09 36.85
C ASP A 403 -8.42 10.70 37.26
N GLY A 404 -7.68 9.67 36.84
CA GLY A 404 -7.96 8.29 37.23
C GLY A 404 -9.14 7.61 36.55
N ALA A 405 -9.72 8.24 35.53
CA ALA A 405 -10.88 7.65 34.83
C ALA A 405 -10.79 7.87 33.33
N ARG A 406 -11.52 7.02 32.61
CA ARG A 406 -11.63 7.15 31.17
C ARG A 406 -12.27 8.49 30.88
N PRO A 407 -11.67 9.30 30.01
CA PRO A 407 -12.21 10.61 29.73
C PRO A 407 -13.47 10.56 28.89
N ASP A 408 -14.34 11.54 29.13
CA ASP A 408 -15.48 11.78 28.28
C ASP A 408 -14.93 12.26 26.95
N VAL A 409 -15.76 12.23 25.93
CA VAL A 409 -15.38 12.66 24.60
C VAL A 409 -16.56 13.38 23.95
N THR A 410 -16.27 14.47 23.24
CA THR A 410 -17.32 15.22 22.55
C THR A 410 -17.23 14.95 21.07
N GLU A 411 -18.28 15.31 20.33
CA GLU A 411 -18.26 15.18 18.87
C GLU A 411 -17.17 16.05 18.25
N SER A 412 -16.95 17.25 18.79
CA SER A 412 -15.97 18.16 18.19
C SER A 412 -14.60 17.54 18.35
N GLU A 413 -14.39 16.94 19.51
CA GLU A 413 -13.14 16.28 19.83
C GLU A 413 -12.94 15.06 18.94
N SER A 414 -13.97 14.22 18.86
CA SER A 414 -13.85 12.93 18.17
C SER A 414 -13.68 13.07 16.66
N GLY A 415 -14.13 14.20 16.10
CA GLY A 415 -14.01 14.48 14.69
C GLY A 415 -12.75 15.19 14.25
N SER A 416 -11.87 15.52 15.19
CA SER A 416 -10.64 16.23 14.86
C SER A 416 -9.65 15.32 14.15
N PRO A 417 -8.93 15.84 13.15
CA PRO A 417 -7.92 15.04 12.46
C PRO A 417 -6.76 14.57 13.34
N GLU A 418 -6.61 15.16 14.52
CA GLU A 418 -5.57 14.74 15.45
C GLU A 418 -6.09 13.83 16.56
N TYR A 419 -7.40 13.56 16.58
CA TYR A 419 -7.99 12.78 17.66
C TYR A 419 -7.52 11.34 17.57
N ARG A 420 -7.13 10.80 18.73
CA ARG A 420 -6.77 9.41 18.85
C ARG A 420 -7.92 8.67 19.50
N GLN A 421 -8.49 7.70 18.81
CA GLN A 421 -9.57 6.91 19.42
C GLN A 421 -9.01 6.09 20.58
N GLN A 422 -9.86 5.87 21.58
CA GLN A 422 -9.49 5.15 22.78
C GLN A 422 -9.20 3.71 22.47
N SER A 423 -8.38 3.09 23.32
CA SER A 423 -8.04 1.69 23.23
C SER A 423 -8.13 1.07 24.60
N ALA A 424 -8.01 -0.25 24.64
CA ALA A 424 -8.03 -1.01 25.90
C ALA A 424 -6.70 -1.04 26.64
N VAL A 425 -5.62 -0.80 25.91
CA VAL A 425 -4.27 -1.07 26.38
C VAL A 425 -3.36 0.01 25.81
N PRO A 426 -2.70 0.76 26.69
CA PRO A 426 -1.81 1.81 26.21
C PRO A 426 -0.54 1.25 25.56
N LEU A 427 -0.31 1.64 24.31
CA LEU A 427 0.93 1.37 23.62
C LEU A 427 1.33 2.62 22.85
N ASP A 428 2.63 2.88 22.72
CA ASP A 428 3.10 3.99 21.91
C ASP A 428 2.58 3.90 20.49
N GLU A 429 2.52 2.69 19.97
CA GLU A 429 1.92 2.44 18.68
C GLU A 429 0.91 1.33 18.78
N GLU A 430 -0.26 1.58 18.21
CA GLU A 430 -1.24 0.54 18.01
C GLU A 430 -0.65 -0.57 17.15
N THR A 431 -1.18 -1.75 17.35
CA THR A 431 -0.62 -2.94 16.81
C THR A 431 -1.33 -3.37 15.52
N HIS A 432 -0.59 -3.99 14.60
CA HIS A 432 -1.22 -4.72 13.50
C HIS A 432 -2.18 -5.76 14.04
N ALA A 433 -3.05 -6.27 13.18
CA ALA A 433 -3.94 -7.37 13.57
C ALA A 433 -3.78 -8.52 12.60
N GLY A 434 -4.13 -9.72 13.07
CA GLY A 434 -3.82 -10.94 12.34
C GLY A 434 -4.95 -11.55 11.54
N GLU A 435 -6.13 -10.91 11.49
CA GLU A 435 -7.23 -11.51 10.76
C GLU A 435 -7.05 -11.37 9.26
N ASP A 436 -7.78 -12.22 8.54
CA ASP A 436 -7.64 -12.26 7.09
C ASP A 436 -7.99 -10.90 6.52
N VAL A 437 -7.36 -10.58 5.40
CA VAL A 437 -7.68 -9.38 4.63
C VAL A 437 -8.25 -9.77 3.28
N ALA A 438 -8.89 -8.81 2.64
CA ALA A 438 -9.48 -9.04 1.33
C ALA A 438 -8.43 -8.97 0.24
N VAL A 439 -8.68 -9.72 -0.83
CA VAL A 439 -8.04 -9.52 -2.12
C VAL A 439 -9.16 -9.26 -3.11
N PHE A 440 -9.06 -8.16 -3.84
CA PHE A 440 -10.00 -7.83 -4.89
C PHE A 440 -9.27 -7.95 -6.20
N ALA A 441 -9.92 -8.50 -7.21
CA ALA A 441 -9.24 -8.70 -8.49
C ALA A 441 -10.15 -8.44 -9.68
N ARG A 442 -9.55 -7.88 -10.73
CA ARG A 442 -10.20 -7.71 -12.03
C ARG A 442 -9.17 -7.89 -13.13
N GLY A 443 -9.63 -8.33 -14.29
CA GLY A 443 -8.76 -8.51 -15.44
C GLY A 443 -8.48 -9.95 -15.76
N PRO A 444 -7.56 -10.18 -16.70
CA PRO A 444 -7.29 -11.52 -17.16
C PRO A 444 -6.79 -12.41 -16.05
N GLN A 445 -7.52 -13.51 -15.85
CA GLN A 445 -7.24 -14.52 -14.83
C GLN A 445 -7.63 -14.11 -13.42
N ALA A 446 -8.33 -12.98 -13.28
CA ALA A 446 -8.77 -12.52 -11.99
C ALA A 446 -9.74 -13.50 -11.33
N HIS A 447 -10.46 -14.28 -12.14
CA HIS A 447 -11.39 -15.26 -11.61
C HIS A 447 -10.68 -16.34 -10.80
N LEU A 448 -9.37 -16.45 -10.94
CA LEU A 448 -8.62 -17.41 -10.15
C LEU A 448 -8.45 -16.95 -8.70
N VAL A 449 -8.66 -15.65 -8.46
CA VAL A 449 -8.63 -15.10 -7.13
C VAL A 449 -9.95 -15.44 -6.47
N HIS A 450 -9.94 -16.42 -5.58
CA HIS A 450 -11.17 -16.95 -5.03
C HIS A 450 -10.93 -17.60 -3.66
N GLY A 451 -12.00 -17.72 -2.88
CA GLY A 451 -11.95 -18.50 -1.66
C GLY A 451 -11.07 -17.90 -0.59
N VAL A 452 -10.48 -18.78 0.21
CA VAL A 452 -9.55 -18.40 1.25
C VAL A 452 -8.20 -18.94 0.84
N GLN A 453 -7.24 -18.05 0.75
CA GLN A 453 -5.93 -18.38 0.22
C GLN A 453 -4.85 -17.89 1.14
N GLU A 454 -3.70 -18.57 1.08
CA GLU A 454 -2.49 -18.02 1.67
C GLU A 454 -2.11 -16.74 0.94
N GLN A 455 -1.54 -15.77 1.66
CA GLN A 455 -1.18 -14.49 1.06
C GLN A 455 -0.24 -14.62 -0.14
N THR A 456 0.55 -15.70 -0.18
CA THR A 456 1.44 -15.98 -1.29
C THR A 456 0.73 -16.13 -2.61
N PHE A 457 -0.55 -16.50 -2.56
CA PHE A 457 -1.34 -16.70 -3.77
C PHE A 457 -1.34 -15.44 -4.66
N ILE A 458 -1.31 -14.28 -4.03
CA ILE A 458 -1.35 -13.02 -4.74
C ILE A 458 -0.18 -12.92 -5.74
N ALA A 459 1.02 -13.26 -5.29
CA ALA A 459 2.18 -13.19 -6.18
C ALA A 459 2.00 -14.22 -7.30
N HIS A 460 1.61 -15.43 -6.91
CA HIS A 460 1.54 -16.54 -7.87
C HIS A 460 0.49 -16.32 -8.97
N VAL A 461 -0.66 -15.80 -8.61
CA VAL A 461 -1.70 -15.58 -9.61
C VAL A 461 -1.26 -14.49 -10.61
N MET A 462 -0.51 -13.50 -10.10
CA MET A 462 -0.01 -12.44 -10.96
C MET A 462 1.03 -12.99 -11.93
N ALA A 463 1.97 -13.78 -11.42
CA ALA A 463 2.97 -14.40 -12.29
C ALA A 463 2.29 -15.29 -13.31
N PHE A 464 1.32 -16.09 -12.86
CA PHE A 464 0.62 -16.99 -13.77
C PHE A 464 -0.08 -16.21 -14.87
N ALA A 465 -0.83 -15.19 -14.49
CA ALA A 465 -1.64 -14.46 -15.45
C ALA A 465 -0.82 -13.86 -16.59
N ALA A 466 0.40 -13.42 -16.27
CA ALA A 466 1.30 -12.82 -17.24
C ALA A 466 2.29 -13.82 -17.82
N CYS A 467 2.12 -15.10 -17.49
CA CYS A 467 2.98 -16.17 -17.98
C CYS A 467 4.46 -15.93 -17.67
N LEU A 468 4.70 -15.45 -16.46
CA LEU A 468 6.03 -15.25 -15.97
C LEU A 468 6.44 -16.40 -15.10
N GLU A 469 7.72 -16.38 -14.71
CA GLU A 469 8.04 -16.85 -13.35
C GLU A 469 7.96 -18.30 -13.48
N PRO A 470 7.46 -19.09 -12.52
CA PRO A 470 7.51 -20.50 -12.82
C PRO A 470 6.38 -20.90 -13.77
N TYR A 471 5.69 -19.91 -14.37
CA TYR A 471 4.52 -20.20 -15.17
C TYR A 471 4.56 -19.76 -16.64
N THR A 472 5.64 -19.88 -17.40
CA THR A 472 5.24 -20.10 -18.81
C THR A 472 5.15 -21.57 -19.04
N ALA A 473 4.32 -21.94 -19.99
CA ALA A 473 3.55 -23.15 -19.91
C ALA A 473 2.31 -22.79 -19.11
N CYS A 474 2.03 -21.49 -18.99
CA CYS A 474 0.69 -21.04 -18.69
C CYS A 474 -0.01 -21.45 -19.97
N ASP A 475 -1.22 -21.94 -19.90
CA ASP A 475 -1.75 -22.43 -21.17
C ASP A 475 -2.64 -21.35 -21.77
N LEU A 476 -2.13 -20.11 -21.78
CA LEU A 476 -2.95 -18.95 -22.08
C LEU A 476 -2.68 -18.40 -23.48
N ALA A 477 -3.72 -17.86 -24.10
CA ALA A 477 -3.56 -17.14 -25.36
C ALA A 477 -2.95 -15.77 -25.08
N PRO A 478 -2.37 -15.13 -26.10
CA PRO A 478 -1.79 -13.80 -25.94
C PRO A 478 -2.80 -12.79 -25.39
N PRO A 479 -2.32 -11.76 -24.69
CA PRO A 479 -3.22 -10.75 -24.15
C PRO A 479 -4.18 -10.21 -25.20
N ALA A 480 -5.42 -9.99 -24.78
CA ALA A 480 -6.43 -9.40 -25.63
C ALA A 480 -6.08 -7.94 -25.92
N GLY A 481 -6.58 -7.44 -27.04
CA GLY A 481 -6.51 -6.00 -27.33
C GLY A 481 -7.52 -5.23 -26.49
#